data_6G9S
#
_entry.id   6G9S
#
_cell.length_a   126.303
_cell.length_b   182.806
_cell.length_c   75.561
_cell.angle_alpha   90.00
_cell.angle_beta   90.00
_cell.angle_gamma   90.00
#
_symmetry.space_group_name_H-M   'C 2 2 21'
#
loop_
_entity.id
_entity.type
_entity.pdbx_description
1 polymer 'Peptidoglycan D,D-transpeptidase MrdA'
2 non-polymer '(3~{R},6~{S})-6-(aminomethyl)-4-(1,3-oxazol-5-yl)-3-(sulfooxyamino)-3,6-dihydro-2~{H}-pyridine-1-carboxylic acid'
3 water water
#
_entity_poly.entity_id   1
_entity_poly.type   'polypeptide(L)'
_entity_poly.pdbx_seq_one_letter_code
;TRSNENRIKLVPIAPSRGIIYDRNGIPLALNRTIYQIEMMPEKVDNVQQTLDALRSVVDLTDDDIAAFRKERARSHRFTS
IPVKTNLTEVQVARFAVNQYRFPGVEVKGYKRRYYPYGSALTHVIGYVSKINDKDVERLNNDGKLANYAATHDIGKLGIE
RYYEDVLHGQTGYEEVEVNNRGRVIRQLKEVPPQAGHDIYLTLDLKLQQYIETLLAGSRAAVVVTDPRTGGVLALVSTPS
YDPNLFVDGISSKDYSALLNDPNTPLVNRATQGVYPPASTVKPYVAVSALSAGVITRNTTLFDPGWWQLPGSEKRYRDWK
KWGHGRLNVTRSLEESADTFFYQVAYDMGIDRLSEWMGKFGYGHYTGIDLAEERSGNMPTREWKQKRFKKPWYQGDTIPV
GIGQGYWTATPIQMSKALMILINDGIVKVPHLLMSTAEDGKQVPWVQPHEPPVGDIHSGYWELAKDGMYGVANRPNGTAH
KYFASAPYKIAAKSGTAQVFGLKANETYNAHKIAERLRDHKLMTAFAPYNNPQVAVAMILENGGAGPAVGTLMRQILDHI
MLGDNNTDLPAENPAVAAAEDH
;
_entity_poly.pdbx_strand_id   A
#
# COMPACT_ATOMS: atom_id res chain seq x y z
N ASN A 6 -9.64 -50.36 -15.30
CA ASN A 6 -9.19 -49.44 -14.27
C ASN A 6 -8.74 -48.11 -14.91
N ARG A 7 -9.52 -47.05 -14.68
CA ARG A 7 -9.27 -45.77 -15.33
C ARG A 7 -7.98 -45.14 -14.82
N ILE A 8 -7.19 -44.61 -15.76
CA ILE A 8 -6.09 -43.71 -15.43
C ILE A 8 -6.58 -42.27 -15.56
N LYS A 9 -6.22 -41.46 -14.58
CA LYS A 9 -6.81 -40.15 -14.37
C LYS A 9 -5.70 -39.13 -14.19
N LEU A 10 -5.85 -37.95 -14.79
CA LEU A 10 -4.92 -36.85 -14.55
C LEU A 10 -5.47 -35.93 -13.46
N VAL A 11 -4.59 -35.47 -12.59
CA VAL A 11 -4.96 -34.72 -11.39
C VAL A 11 -3.98 -33.56 -11.25
N PRO A 12 -4.45 -32.33 -11.09
CA PRO A 12 -3.52 -31.19 -10.96
C PRO A 12 -2.86 -31.14 -9.59
N ILE A 13 -1.67 -30.56 -9.56
CA ILE A 13 -0.90 -30.38 -8.32
C ILE A 13 -0.64 -28.88 -8.13
N ALA A 14 -1.17 -28.33 -7.05
CA ALA A 14 -1.05 -26.91 -6.76
C ALA A 14 0.39 -26.54 -6.50
N PRO A 15 0.91 -25.47 -7.11
CA PRO A 15 2.29 -25.03 -6.82
C PRO A 15 2.39 -24.33 -5.46
N SER A 16 3.62 -24.30 -4.95
CA SER A 16 3.93 -23.61 -3.71
C SER A 16 4.01 -22.10 -3.95
N ARG A 17 3.30 -21.32 -3.13
CA ARG A 17 3.31 -19.87 -3.31
C ARG A 17 4.67 -19.27 -2.96
N GLY A 18 5.14 -18.34 -3.81
CA GLY A 18 6.44 -17.72 -3.57
C GLY A 18 6.48 -16.94 -2.27
N ILE A 19 7.72 -16.73 -1.78
CA ILE A 19 7.97 -16.07 -0.50
C ILE A 19 8.27 -14.59 -0.72
N ILE A 20 7.73 -13.73 0.15
CA ILE A 20 7.99 -12.28 0.13
C ILE A 20 8.98 -11.95 1.25
N TYR A 21 10.11 -11.32 0.88
CA TYR A 21 11.16 -10.92 1.82
C TYR A 21 11.30 -9.41 1.86
N ASP A 22 11.75 -8.86 3.00
CA ASP A 22 12.07 -7.44 3.05
C ASP A 22 13.49 -7.24 2.52
N ARG A 23 13.99 -6.01 2.58
CA ARG A 23 15.27 -5.67 2.00
C ARG A 23 16.45 -6.33 2.70
N ASN A 24 16.26 -6.89 3.90
CA ASN A 24 17.33 -7.60 4.59
C ASN A 24 17.09 -9.11 4.62
N GLY A 25 16.38 -9.63 3.62
CA GLY A 25 16.14 -11.05 3.51
C GLY A 25 15.17 -11.63 4.52
N ILE A 26 14.48 -10.80 5.29
CA ILE A 26 13.56 -11.33 6.30
C ILE A 26 12.26 -11.76 5.62
N PRO A 27 11.80 -13.01 5.83
CA PRO A 27 10.53 -13.42 5.24
C PRO A 27 9.37 -12.71 5.90
N LEU A 28 8.49 -12.12 5.09
CA LEU A 28 7.31 -11.44 5.59
C LEU A 28 6.02 -12.20 5.34
N ALA A 29 6.01 -13.10 4.36
CA ALA A 29 4.86 -13.93 4.11
C ALA A 29 5.34 -15.35 3.85
N LEU A 30 4.80 -16.31 4.57
CA LEU A 30 5.32 -17.67 4.61
C LEU A 30 4.19 -18.67 4.38
N ASN A 31 4.57 -19.92 4.11
CA ASN A 31 3.58 -20.98 3.98
C ASN A 31 3.74 -21.99 5.10
N ARG A 32 2.61 -22.49 5.58
CA ARG A 32 2.52 -23.54 6.57
C ARG A 32 1.67 -24.65 5.98
N THR A 33 2.05 -25.90 6.23
CA THR A 33 1.19 -26.99 5.83
C THR A 33 0.19 -27.27 6.95
N ILE A 34 -1.07 -27.41 6.57
CA ILE A 34 -2.14 -27.76 7.48
C ILE A 34 -2.77 -29.06 6.97
N TYR A 35 -2.91 -30.05 7.86
CA TYR A 35 -3.39 -31.37 7.48
C TYR A 35 -4.84 -31.57 7.92
N GLN A 36 -5.57 -32.32 7.13
CA GLN A 36 -6.92 -32.72 7.48
C GLN A 36 -7.21 -34.05 6.83
N ILE A 37 -8.18 -34.76 7.37
CA ILE A 37 -8.71 -35.92 6.70
C ILE A 37 -10.05 -35.52 6.08
N GLU A 38 -10.34 -36.13 4.94
CA GLU A 38 -11.57 -35.81 4.21
C GLU A 38 -12.02 -37.05 3.47
N MET A 39 -13.29 -37.05 3.06
CA MET A 39 -13.79 -38.19 2.34
C MET A 39 -14.88 -37.73 1.38
N MET A 40 -15.05 -38.49 0.30
CA MET A 40 -16.25 -38.41 -0.49
C MET A 40 -17.18 -39.48 0.03
N PRO A 41 -18.29 -39.14 0.68
CA PRO A 41 -19.08 -40.18 1.34
C PRO A 41 -19.49 -41.30 0.40
N GLU A 42 -19.80 -40.95 -0.85
CA GLU A 42 -20.17 -41.94 -1.87
C GLU A 42 -19.13 -43.03 -1.99
N LYS A 43 -17.84 -42.65 -1.95
CA LYS A 43 -16.74 -43.60 -2.09
C LYS A 43 -16.45 -44.38 -0.82
N VAL A 44 -17.13 -44.10 0.29
CA VAL A 44 -16.91 -44.80 1.55
C VAL A 44 -18.00 -45.84 1.72
N ASP A 45 -17.59 -47.09 1.95
CA ASP A 45 -18.55 -48.20 2.03
C ASP A 45 -19.55 -47.97 3.15
N ASN A 46 -19.06 -47.78 4.38
CA ASN A 46 -19.92 -47.59 5.54
C ASN A 46 -19.50 -46.31 6.27
N VAL A 47 -20.19 -45.21 5.98
CA VAL A 47 -19.81 -43.91 6.53
C VAL A 47 -19.80 -43.95 8.06
N GLN A 48 -20.87 -44.47 8.66
CA GLN A 48 -21.03 -44.42 10.12
C GLN A 48 -19.97 -45.27 10.81
N GLN A 49 -19.78 -46.51 10.35
CA GLN A 49 -18.67 -47.33 10.82
C GLN A 49 -17.36 -46.55 10.79
N THR A 50 -17.09 -45.89 9.67
CA THR A 50 -15.84 -45.15 9.50
C THR A 50 -15.74 -44.00 10.50
N LEU A 51 -16.80 -43.20 10.61
CA LEU A 51 -16.76 -42.05 11.49
C LEU A 51 -16.46 -42.46 12.93
N ASP A 52 -17.03 -43.59 13.36
CA ASP A 52 -16.88 -44.00 14.75
C ASP A 52 -15.50 -44.60 15.00
N ALA A 53 -15.03 -45.44 14.08
CA ALA A 53 -13.66 -45.95 14.20
C ALA A 53 -12.65 -44.82 14.24
N LEU A 54 -12.98 -43.67 13.65
CA LEU A 54 -12.05 -42.55 13.61
C LEU A 54 -11.99 -41.78 14.92
N ARG A 55 -12.97 -41.94 15.82
CA ARG A 55 -12.87 -41.27 17.11
C ARG A 55 -11.60 -41.71 17.86
N SER A 56 -11.29 -42.99 17.79
CA SER A 56 -10.09 -43.53 18.43
C SER A 56 -8.80 -43.07 17.75
N VAL A 57 -8.82 -42.92 16.42
CA VAL A 57 -7.59 -42.75 15.64
C VAL A 57 -7.17 -41.28 15.52
N VAL A 58 -8.10 -40.35 15.27
CA VAL A 58 -7.75 -38.94 15.12
C VAL A 58 -8.43 -38.07 16.18
N ASP A 59 -9.00 -38.69 17.21
CA ASP A 59 -9.77 -37.95 18.21
C ASP A 59 -10.92 -37.21 17.56
N LEU A 60 -11.62 -37.90 16.66
CA LEU A 60 -12.82 -37.34 16.07
C LEU A 60 -13.92 -37.24 17.13
N THR A 61 -14.56 -36.08 17.18
CA THR A 61 -15.54 -35.75 18.21
C THR A 61 -16.93 -35.67 17.64
N ASP A 62 -17.93 -35.72 18.53
CA ASP A 62 -19.31 -35.49 18.12
C ASP A 62 -19.46 -34.19 17.38
N ASP A 63 -18.78 -33.13 17.85
CA ASP A 63 -18.82 -31.84 17.16
C ASP A 63 -18.27 -31.95 15.75
N ASP A 64 -17.17 -32.70 15.58
CA ASP A 64 -16.60 -32.90 14.27
C ASP A 64 -17.61 -33.55 13.33
N ILE A 65 -18.33 -34.56 13.81
CA ILE A 65 -19.31 -35.25 12.98
C ILE A 65 -20.46 -34.32 12.63
N ALA A 66 -20.93 -33.55 13.62
CA ALA A 66 -21.92 -32.51 13.36
C ALA A 66 -21.48 -31.61 12.21
N ALA A 67 -20.29 -31.02 12.34
CA ALA A 67 -19.79 -30.13 11.28
C ALA A 67 -19.63 -30.87 9.96
N PHE A 68 -19.27 -32.15 10.00
CA PHE A 68 -19.17 -32.92 8.77
C PHE A 68 -20.53 -33.12 8.13
N ARG A 69 -21.56 -33.36 8.93
CA ARG A 69 -22.90 -33.54 8.38
C ARG A 69 -23.46 -32.22 7.86
N LYS A 70 -23.32 -31.13 8.65
CA LYS A 70 -23.67 -29.80 8.15
C LYS A 70 -23.02 -29.55 6.81
N GLU A 71 -21.71 -29.80 6.73
CA GLU A 71 -20.98 -29.55 5.49
C GLU A 71 -21.39 -30.55 4.40
N ARG A 72 -21.77 -31.74 4.79
CA ARG A 72 -22.15 -32.75 3.77
C ARG A 72 -23.34 -32.24 2.97
N ALA A 73 -24.41 -31.80 3.65
CA ALA A 73 -25.58 -31.31 2.93
C ALA A 73 -25.24 -30.10 2.06
N ARG A 74 -24.65 -29.08 2.64
CA ARG A 74 -24.38 -27.81 1.95
C ARG A 74 -23.35 -27.98 0.84
N SER A 75 -23.17 -29.19 0.34
CA SER A 75 -22.16 -29.51 -0.66
C SER A 75 -22.78 -30.32 -1.78
N HIS A 76 -22.12 -30.28 -2.94
CA HIS A 76 -22.65 -30.96 -4.11
C HIS A 76 -22.27 -32.44 -4.12
N ARG A 77 -23.02 -33.22 -4.90
CA ARG A 77 -22.72 -34.63 -5.06
C ARG A 77 -21.28 -34.79 -5.54
N PHE A 78 -20.61 -35.81 -5.02
CA PHE A 78 -19.22 -36.13 -5.36
C PHE A 78 -18.25 -35.03 -4.91
N THR A 79 -18.49 -34.44 -3.75
CA THR A 79 -17.56 -33.51 -3.13
C THR A 79 -16.80 -34.20 -2.01
N SER A 80 -15.49 -33.98 -1.96
CA SER A 80 -14.69 -34.43 -0.83
C SER A 80 -14.95 -33.52 0.36
N ILE A 81 -15.64 -34.03 1.37
CA ILE A 81 -15.98 -33.30 2.58
C ILE A 81 -14.87 -33.47 3.60
N PRO A 82 -14.36 -32.39 4.18
CA PRO A 82 -13.42 -32.53 5.30
C PRO A 82 -14.12 -33.22 6.47
N VAL A 83 -13.38 -34.09 7.16
CA VAL A 83 -13.89 -34.84 8.29
C VAL A 83 -13.34 -34.30 9.61
N LYS A 84 -12.05 -34.02 9.64
CA LYS A 84 -11.41 -33.31 10.75
C LYS A 84 -10.30 -32.45 10.17
N THR A 85 -10.22 -31.20 10.64
CA THR A 85 -9.30 -30.22 10.14
C THR A 85 -8.24 -29.89 11.18
N ASN A 86 -7.18 -29.21 10.72
CA ASN A 86 -6.06 -28.81 11.56
C ASN A 86 -5.60 -29.97 12.44
N LEU A 87 -5.35 -31.10 11.80
CA LEU A 87 -4.78 -32.25 12.52
C LEU A 87 -3.43 -31.90 13.12
N THR A 88 -3.20 -32.38 14.34
CA THR A 88 -1.87 -32.29 14.92
C THR A 88 -0.93 -33.33 14.30
N GLU A 89 0.37 -33.11 14.50
CA GLU A 89 1.38 -34.05 14.03
C GLU A 89 1.06 -35.48 14.49
N VAL A 90 0.79 -35.65 15.79
CA VAL A 90 0.43 -36.95 16.34
C VAL A 90 -0.74 -37.56 15.59
N GLN A 91 -1.80 -36.76 15.39
CA GLN A 91 -3.02 -37.30 14.80
C GLN A 91 -2.79 -37.78 13.37
N VAL A 92 -2.00 -37.03 12.60
CA VAL A 92 -1.72 -37.48 11.25
C VAL A 92 -0.99 -38.81 11.28
N ALA A 93 -0.01 -38.93 12.19
CA ALA A 93 0.76 -40.17 12.31
C ALA A 93 -0.12 -41.35 12.68
N ARG A 94 -1.00 -41.17 13.66
CA ARG A 94 -1.92 -42.24 14.00
C ARG A 94 -2.82 -42.61 12.82
N PHE A 95 -3.32 -41.60 12.08
CA PHE A 95 -4.12 -41.94 10.90
C PHE A 95 -3.28 -42.67 9.87
N ALA A 96 -2.04 -42.23 9.68
CA ALA A 96 -1.18 -42.83 8.66
C ALA A 96 -1.03 -44.32 8.90
N VAL A 97 -0.65 -44.73 10.12
CA VAL A 97 -0.47 -46.15 10.38
C VAL A 97 -1.78 -46.91 10.38
N ASN A 98 -2.91 -46.20 10.40
CA ASN A 98 -4.20 -46.86 10.31
C ASN A 98 -4.85 -46.74 8.94
N GLN A 99 -4.15 -46.13 7.98
CA GLN A 99 -4.77 -45.73 6.73
C GLN A 99 -5.40 -46.92 6.02
N TYR A 100 -4.74 -48.07 6.04
CA TYR A 100 -5.27 -49.24 5.34
C TYR A 100 -6.67 -49.62 5.83
N ARG A 101 -7.09 -49.15 6.99
CA ARG A 101 -8.40 -49.53 7.50
C ARG A 101 -9.53 -48.66 6.98
N PHE A 102 -9.20 -47.51 6.39
CA PHE A 102 -10.18 -46.51 6.00
C PHE A 102 -10.07 -46.21 4.51
N PRO A 103 -10.41 -47.17 3.66
CA PRO A 103 -10.47 -46.87 2.22
C PRO A 103 -11.55 -45.82 1.98
N GLY A 104 -11.23 -44.82 1.18
CA GLY A 104 -12.12 -43.72 0.96
C GLY A 104 -11.89 -42.52 1.84
N VAL A 105 -11.16 -42.68 2.95
CA VAL A 105 -10.72 -41.56 3.76
C VAL A 105 -9.31 -41.20 3.32
N GLU A 106 -9.09 -39.93 3.04
CA GLU A 106 -7.81 -39.44 2.58
C GLU A 106 -7.27 -38.47 3.62
N VAL A 107 -5.96 -38.47 3.79
CA VAL A 107 -5.30 -37.45 4.57
C VAL A 107 -4.57 -36.53 3.60
N LYS A 108 -4.76 -35.22 3.77
CA LYS A 108 -4.23 -34.29 2.79
C LYS A 108 -3.60 -33.10 3.50
N GLY A 109 -2.54 -32.59 2.89
CA GLY A 109 -1.84 -31.40 3.36
C GLY A 109 -2.10 -30.25 2.42
N TYR A 110 -2.34 -29.06 3.00
CA TYR A 110 -2.66 -27.86 2.24
C TYR A 110 -1.78 -26.73 2.76
N LYS A 111 -1.10 -26.04 1.84
CA LYS A 111 -0.31 -24.89 2.22
C LYS A 111 -1.23 -23.70 2.41
N ARG A 112 -1.11 -23.06 3.56
CA ARG A 112 -1.84 -21.85 3.87
C ARG A 112 -0.84 -20.77 4.25
N ARG A 113 -1.23 -19.52 4.03
CA ARG A 113 -0.32 -18.40 4.17
C ARG A 113 -0.23 -17.97 5.63
N TYR A 114 0.93 -17.44 6.01
CA TYR A 114 1.11 -17.00 7.38
C TYR A 114 1.90 -15.68 7.39
N TYR A 115 1.42 -14.71 8.18
CA TYR A 115 1.99 -13.36 8.29
C TYR A 115 2.54 -13.13 9.69
N PRO A 116 3.83 -13.42 9.90
CA PRO A 116 4.41 -13.37 11.26
C PRO A 116 4.35 -11.99 11.91
N TYR A 117 4.45 -10.92 11.12
CA TYR A 117 4.53 -9.58 11.67
C TYR A 117 3.19 -8.89 11.68
N GLY A 118 2.15 -9.58 11.21
CA GLY A 118 0.77 -9.15 11.44
C GLY A 118 0.47 -7.76 10.92
N SER A 119 -0.12 -6.94 11.79
CA SER A 119 -0.74 -5.69 11.40
C SER A 119 0.26 -4.65 10.93
N ALA A 120 1.55 -4.80 11.25
CA ALA A 120 2.56 -3.86 10.78
C ALA A 120 2.63 -3.79 9.26
N LEU A 121 2.19 -4.82 8.55
CA LEU A 121 2.37 -4.92 7.12
C LEU A 121 1.08 -5.14 6.37
N THR A 122 -0.07 -4.97 7.04
CA THR A 122 -1.35 -5.34 6.44
C THR A 122 -1.54 -4.70 5.08
N HIS A 123 -1.54 -3.36 5.01
CA HIS A 123 -1.93 -2.71 3.77
C HIS A 123 -0.92 -2.93 2.67
N VAL A 124 0.36 -2.97 3.00
CA VAL A 124 1.36 -3.02 1.94
C VAL A 124 1.59 -4.45 1.46
N ILE A 125 1.55 -5.42 2.36
CA ILE A 125 1.74 -6.82 1.96
C ILE A 125 0.42 -7.44 1.55
N GLY A 126 -0.64 -7.10 2.28
CA GLY A 126 -1.93 -7.70 1.98
C GLY A 126 -2.04 -9.12 2.55
N TYR A 127 -3.01 -9.86 2.02
CA TYR A 127 -3.25 -11.23 2.42
C TYR A 127 -3.80 -12.01 1.25
N VAL A 128 -3.68 -13.34 1.34
CA VAL A 128 -4.36 -14.24 0.43
C VAL A 128 -5.50 -14.89 1.20
N SER A 129 -6.65 -15.03 0.55
CA SER A 129 -7.76 -15.73 1.17
C SER A 129 -8.52 -16.47 0.07
N LYS A 130 -9.67 -17.05 0.43
CA LYS A 130 -10.35 -17.99 -0.45
C LYS A 130 -10.80 -17.32 -1.74
N ILE A 131 -10.59 -18.01 -2.86
CA ILE A 131 -11.10 -17.52 -4.15
C ILE A 131 -12.61 -17.39 -4.09
N ASN A 132 -13.14 -16.32 -4.66
CA ASN A 132 -14.59 -16.23 -4.84
C ASN A 132 -14.90 -16.02 -6.32
N ASP A 133 -16.18 -15.83 -6.60
CA ASP A 133 -16.64 -15.77 -7.99
C ASP A 133 -16.11 -14.56 -8.73
N LYS A 134 -15.86 -13.43 -8.04
CA LYS A 134 -15.27 -12.31 -8.77
C LYS A 134 -13.81 -12.57 -9.11
N ASP A 135 -13.10 -13.29 -8.23
CA ASP A 135 -11.76 -13.73 -8.58
C ASP A 135 -11.80 -14.65 -9.80
N VAL A 136 -12.73 -15.61 -9.79
CA VAL A 136 -12.88 -16.52 -10.95
C VAL A 136 -13.11 -15.72 -12.22
N GLU A 137 -14.07 -14.78 -12.17
CA GLU A 137 -14.32 -13.89 -13.31
C GLU A 137 -13.03 -13.24 -13.79
N ARG A 138 -12.29 -12.63 -12.88
CA ARG A 138 -11.08 -11.92 -13.27
C ARG A 138 -10.07 -12.87 -13.89
N LEU A 139 -9.90 -14.05 -13.29
CA LEU A 139 -8.97 -15.05 -13.84
C LEU A 139 -9.43 -15.52 -15.22
N ASN A 140 -10.73 -15.78 -15.37
CA ASN A 140 -11.25 -16.21 -16.67
C ASN A 140 -11.03 -15.13 -17.73
N ASN A 141 -11.44 -13.89 -17.43
CA ASN A 141 -11.22 -12.78 -18.34
C ASN A 141 -9.74 -12.63 -18.68
N ASP A 142 -8.86 -12.69 -17.67
CA ASP A 142 -7.42 -12.52 -17.93
C ASP A 142 -6.79 -13.74 -18.60
N GLY A 143 -7.56 -14.80 -18.84
CA GLY A 143 -7.01 -16.00 -19.42
C GLY A 143 -6.08 -16.79 -18.51
N LYS A 144 -6.18 -16.64 -17.20
CA LYS A 144 -5.30 -17.30 -16.25
C LYS A 144 -5.93 -18.51 -15.58
N LEU A 145 -7.19 -18.82 -15.89
CA LEU A 145 -7.93 -19.76 -15.06
C LEU A 145 -7.41 -21.19 -15.18
N ALA A 146 -6.83 -21.56 -16.33
CA ALA A 146 -6.35 -22.94 -16.48
C ALA A 146 -5.29 -23.27 -15.45
N ASN A 147 -4.43 -22.31 -15.14
CA ASN A 147 -3.36 -22.48 -14.17
C ASN A 147 -3.84 -22.52 -12.72
N TYR A 148 -5.14 -22.44 -12.47
CA TYR A 148 -5.65 -22.42 -11.10
C TYR A 148 -6.47 -23.67 -10.78
N ALA A 149 -6.31 -24.72 -11.59
CA ALA A 149 -7.13 -25.93 -11.45
C ALA A 149 -7.11 -26.48 -10.03
N ALA A 150 -6.00 -26.33 -9.31
CA ALA A 150 -5.91 -26.86 -7.95
C ALA A 150 -5.66 -25.77 -6.92
N THR A 151 -5.79 -24.52 -7.31
CA THR A 151 -5.54 -23.38 -6.44
C THR A 151 -6.87 -22.85 -5.93
N HIS A 152 -6.97 -22.68 -4.61
CA HIS A 152 -8.23 -22.22 -4.03
C HIS A 152 -8.12 -20.89 -3.27
N ASP A 153 -6.95 -20.25 -3.26
CA ASP A 153 -6.74 -18.97 -2.60
C ASP A 153 -5.98 -18.04 -3.53
N ILE A 154 -6.00 -16.75 -3.20
CA ILE A 154 -5.46 -15.75 -4.10
C ILE A 154 -5.18 -14.48 -3.30
N GLY A 155 -4.12 -13.77 -3.67
CA GLY A 155 -3.86 -12.44 -3.14
C GLY A 155 -5.04 -11.49 -3.32
N LYS A 156 -5.46 -10.81 -2.26
CA LYS A 156 -6.61 -9.92 -2.33
C LYS A 156 -6.27 -8.45 -2.26
N LEU A 157 -5.11 -8.07 -1.72
CA LEU A 157 -4.70 -6.67 -1.72
C LEU A 157 -3.21 -6.63 -1.43
N GLY A 158 -2.64 -5.43 -1.53
CA GLY A 158 -1.23 -5.28 -1.26
C GLY A 158 -0.37 -6.02 -2.28
N ILE A 159 0.87 -6.27 -1.86
CA ILE A 159 1.81 -6.99 -2.72
C ILE A 159 1.27 -8.36 -3.10
N GLU A 160 0.57 -9.03 -2.19
CA GLU A 160 0.09 -10.37 -2.50
C GLU A 160 -0.80 -10.35 -3.73
N ARG A 161 -1.61 -9.31 -3.88
CA ARG A 161 -2.47 -9.21 -5.05
C ARG A 161 -1.72 -8.70 -6.28
N TYR A 162 -0.97 -7.60 -6.11
CA TYR A 162 -0.37 -6.98 -7.29
C TYR A 162 0.57 -7.95 -7.99
N TYR A 163 1.30 -8.75 -7.22
CA TYR A 163 2.27 -9.70 -7.75
C TYR A 163 1.74 -11.13 -7.69
N GLU A 164 0.42 -11.28 -7.65
CA GLU A 164 -0.19 -12.59 -7.62
C GLU A 164 0.35 -13.50 -8.73
N ASP A 165 0.49 -12.98 -9.96
CA ASP A 165 0.87 -13.85 -11.07
C ASP A 165 2.23 -14.50 -10.84
N VAL A 166 3.22 -13.74 -10.37
CA VAL A 166 4.54 -14.32 -10.19
C VAL A 166 4.61 -15.13 -8.89
N LEU A 167 3.84 -14.74 -7.86
CA LEU A 167 3.86 -15.46 -6.60
C LEU A 167 3.24 -16.85 -6.71
N HIS A 168 2.36 -17.07 -7.69
CA HIS A 168 1.51 -18.24 -7.68
C HIS A 168 2.24 -19.51 -8.12
N GLY A 169 3.05 -19.43 -9.15
CA GLY A 169 3.71 -20.61 -9.67
C GLY A 169 2.95 -21.25 -10.81
N GLN A 170 3.43 -22.42 -11.23
CA GLN A 170 2.93 -23.13 -12.40
C GLN A 170 2.37 -24.48 -11.96
N THR A 171 1.07 -24.68 -12.18
CA THR A 171 0.42 -25.91 -11.76
C THR A 171 1.08 -27.12 -12.42
N GLY A 172 1.30 -28.18 -11.63
CA GLY A 172 1.74 -29.45 -12.13
C GLY A 172 0.60 -30.44 -12.22
N TYR A 173 0.96 -31.70 -12.48
CA TYR A 173 -0.07 -32.73 -12.50
C TYR A 173 0.54 -34.11 -12.31
N GLU A 174 -0.34 -35.08 -12.06
CA GLU A 174 0.06 -36.47 -11.93
C GLU A 174 -0.97 -37.33 -12.63
N GLU A 175 -0.53 -38.45 -13.20
CA GLU A 175 -1.43 -39.52 -13.63
C GLU A 175 -1.54 -40.54 -12.51
N VAL A 176 -2.76 -40.87 -12.12
CA VAL A 176 -3.02 -41.83 -11.05
C VAL A 176 -4.03 -42.86 -11.54
N GLU A 177 -3.80 -44.13 -11.17
CA GLU A 177 -4.76 -45.19 -11.47
C GLU A 177 -5.86 -45.21 -10.43
N VAL A 178 -7.09 -45.39 -10.88
CA VAL A 178 -8.21 -45.53 -9.96
C VAL A 178 -8.97 -46.81 -10.29
N ASN A 179 -9.52 -47.43 -9.25
CA ASN A 179 -10.27 -48.67 -9.39
C ASN A 179 -11.75 -48.35 -9.52
N ASN A 180 -12.56 -49.40 -9.64
CA ASN A 180 -13.99 -49.25 -9.42
C ASN A 180 -14.21 -48.55 -8.08
N ARG A 181 -15.31 -47.80 -7.98
CA ARG A 181 -15.61 -46.92 -6.85
C ARG A 181 -14.70 -45.70 -6.86
N GLY A 182 -13.73 -45.67 -7.76
CA GLY A 182 -12.90 -44.49 -7.96
C GLY A 182 -11.98 -44.14 -6.81
N ARG A 183 -11.30 -45.13 -6.24
CA ARG A 183 -10.30 -44.87 -5.22
C ARG A 183 -8.90 -45.01 -5.82
N VAL A 184 -8.00 -44.12 -5.41
CA VAL A 184 -6.66 -44.11 -5.99
C VAL A 184 -5.88 -45.31 -5.48
N ILE A 185 -5.30 -46.07 -6.40
CA ILE A 185 -4.49 -47.21 -6.01
C ILE A 185 -3.02 -47.03 -6.39
N ARG A 186 -2.69 -46.14 -7.32
CA ARG A 186 -1.29 -45.95 -7.70
C ARG A 186 -1.13 -44.59 -8.35
N GLN A 187 0.08 -44.06 -8.28
CA GLN A 187 0.49 -42.91 -9.07
C GLN A 187 1.39 -43.41 -10.20
N LEU A 188 0.98 -43.17 -11.45
CA LEU A 188 1.77 -43.63 -12.58
C LEU A 188 2.91 -42.67 -12.92
N LYS A 189 2.63 -41.38 -12.90
CA LYS A 189 3.58 -40.38 -13.36
C LYS A 189 3.24 -39.08 -12.64
N GLU A 190 4.25 -38.23 -12.49
CA GLU A 190 4.10 -36.96 -11.78
C GLU A 190 4.95 -35.91 -12.48
N VAL A 191 4.31 -34.88 -13.01
CA VAL A 191 5.00 -33.68 -13.49
C VAL A 191 4.88 -32.62 -12.40
N PRO A 192 5.94 -32.33 -11.64
CA PRO A 192 5.78 -31.53 -10.43
C PRO A 192 5.50 -30.07 -10.76
N PRO A 193 4.82 -29.35 -9.90
CA PRO A 193 4.59 -27.94 -10.15
C PRO A 193 5.89 -27.17 -10.01
N GLN A 194 5.86 -25.92 -10.47
CA GLN A 194 6.96 -24.98 -10.27
C GLN A 194 6.48 -23.93 -9.28
N ALA A 195 7.20 -23.81 -8.15
CA ALA A 195 6.82 -22.88 -7.11
C ALA A 195 6.78 -21.45 -7.66
N GLY A 196 5.96 -20.61 -7.05
CA GLY A 196 5.99 -19.20 -7.38
C GLY A 196 7.37 -18.62 -7.20
N HIS A 197 7.63 -17.52 -7.91
CA HIS A 197 8.85 -16.77 -7.70
C HIS A 197 8.88 -16.15 -6.31
N ASP A 198 10.07 -16.13 -5.72
CA ASP A 198 10.29 -15.33 -4.53
C ASP A 198 10.43 -13.85 -4.90
N ILE A 199 9.96 -12.99 -3.99
CA ILE A 199 9.87 -11.56 -4.24
C ILE A 199 10.64 -10.85 -3.13
N TYR A 200 11.52 -9.93 -3.53
CA TYR A 200 12.39 -9.20 -2.61
C TYR A 200 11.99 -7.71 -2.64
N LEU A 201 11.51 -7.21 -1.51
CA LEU A 201 10.95 -5.88 -1.41
C LEU A 201 11.95 -4.88 -0.84
N THR A 202 11.71 -3.60 -1.18
CA THR A 202 12.51 -2.50 -0.67
C THR A 202 12.26 -2.21 0.81
N LEU A 203 11.18 -2.75 1.37
CA LEU A 203 10.76 -2.38 2.72
C LEU A 203 11.80 -2.74 3.78
N ASP A 204 11.79 -1.98 4.85
CA ASP A 204 12.62 -2.24 6.02
C ASP A 204 11.68 -2.61 7.17
N LEU A 205 11.67 -3.89 7.53
CA LEU A 205 10.71 -4.38 8.52
C LEU A 205 10.82 -3.62 9.83
N LYS A 206 12.04 -3.44 10.34
CA LYS A 206 12.21 -2.79 11.63
C LYS A 206 11.68 -1.36 11.60
N LEU A 207 11.98 -0.62 10.53
CA LEU A 207 11.45 0.74 10.35
C LEU A 207 9.93 0.74 10.25
N GLN A 208 9.38 -0.21 9.47
CA GLN A 208 7.93 -0.32 9.37
C GLN A 208 7.29 -0.53 10.74
N GLN A 209 7.84 -1.42 11.57
CA GLN A 209 7.21 -1.70 12.86
C GLN A 209 7.38 -0.52 13.80
N TYR A 210 8.54 0.15 13.74
CA TYR A 210 8.72 1.37 14.52
C TYR A 210 7.64 2.38 14.22
N ILE A 211 7.41 2.65 12.93
CA ILE A 211 6.44 3.68 12.55
C ILE A 211 5.05 3.29 13.03
N GLU A 212 4.65 2.02 12.83
CA GLU A 212 3.34 1.59 13.31
C GLU A 212 3.16 1.92 14.79
N THR A 213 4.20 1.68 15.60
CA THR A 213 4.11 1.97 17.02
C THR A 213 4.00 3.47 17.27
N LEU A 214 4.70 4.28 16.47
CA LEU A 214 4.57 5.73 16.60
C LEU A 214 3.15 6.20 16.33
N LEU A 215 2.50 5.63 15.31
CA LEU A 215 1.19 6.08 14.89
C LEU A 215 0.09 5.66 15.85
N ALA A 216 0.36 4.68 16.72
CA ALA A 216 -0.50 4.27 17.83
C ALA A 216 -1.98 4.31 17.47
N GLY A 217 -2.70 5.22 18.11
CA GLY A 217 -4.15 5.23 17.96
C GLY A 217 -4.66 6.29 17.00
N SER A 218 -3.79 6.78 16.12
CA SER A 218 -4.20 7.81 15.17
C SER A 218 -4.65 7.18 13.86
N ARG A 219 -5.54 7.86 13.18
CA ARG A 219 -5.78 7.62 11.76
C ARG A 219 -4.69 8.37 10.98
N ALA A 220 -3.79 7.64 10.32
CA ALA A 220 -2.57 8.27 9.83
C ALA A 220 -2.02 7.46 8.67
N ALA A 221 -1.09 8.09 7.92
CA ALA A 221 -0.34 7.43 6.86
C ALA A 221 1.08 7.97 6.84
N VAL A 222 2.05 7.10 6.52
CA VAL A 222 3.46 7.45 6.44
C VAL A 222 4.05 6.73 5.24
N VAL A 223 4.75 7.45 4.38
CA VAL A 223 5.49 6.85 3.28
C VAL A 223 6.94 7.28 3.42
N VAL A 224 7.84 6.32 3.60
CA VAL A 224 9.26 6.58 3.65
C VAL A 224 9.89 5.96 2.42
N THR A 225 10.66 6.76 1.69
CA THR A 225 11.31 6.29 0.46
C THR A 225 12.77 6.70 0.50
N ASP A 226 13.55 6.05 -0.36
CA ASP A 226 14.93 6.44 -0.62
C ASP A 226 14.96 7.22 -1.92
N PRO A 227 15.21 8.53 -1.90
CA PRO A 227 15.10 9.31 -3.14
C PRO A 227 16.11 8.89 -4.18
N ARG A 228 17.24 8.30 -3.77
CA ARG A 228 18.19 7.80 -4.74
C ARG A 228 17.63 6.66 -5.58
N THR A 229 16.62 5.93 -5.08
CA THR A 229 16.05 4.80 -5.81
C THR A 229 14.55 4.90 -6.03
N GLY A 230 13.84 5.75 -5.31
CA GLY A 230 12.40 5.65 -5.27
C GLY A 230 11.86 4.44 -4.54
N GLY A 231 12.72 3.63 -3.92
CA GLY A 231 12.24 2.46 -3.20
C GLY A 231 11.53 2.87 -1.92
N VAL A 232 10.45 2.16 -1.61
CA VAL A 232 9.66 2.44 -0.41
C VAL A 232 10.25 1.66 0.75
N LEU A 233 10.85 2.37 1.70
CA LEU A 233 11.38 1.75 2.90
C LEU A 233 10.30 1.45 3.94
N ALA A 234 9.16 2.14 3.87
CA ALA A 234 8.07 1.89 4.79
C ALA A 234 6.82 2.49 4.19
N LEU A 235 5.69 1.81 4.31
CA LEU A 235 4.41 2.36 3.87
C LEU A 235 3.38 1.91 4.90
N VAL A 236 2.99 2.81 5.79
CA VAL A 236 2.16 2.44 6.93
C VAL A 236 0.85 3.20 6.84
N SER A 237 -0.26 2.52 7.13
CA SER A 237 -1.55 3.17 7.31
C SER A 237 -2.16 2.63 8.60
N THR A 238 -2.64 3.52 9.47
CA THR A 238 -3.22 3.14 10.75
C THR A 238 -4.62 3.73 10.87
N PRO A 239 -5.53 3.08 11.60
CA PRO A 239 -5.34 1.80 12.27
C PRO A 239 -5.25 0.64 11.30
N SER A 240 -4.60 -0.46 11.70
CA SER A 240 -4.45 -1.63 10.88
C SER A 240 -5.31 -2.76 11.44
N TYR A 241 -4.98 -3.99 11.06
CA TYR A 241 -5.68 -5.20 11.50
C TYR A 241 -4.81 -6.38 11.13
N ASP A 242 -5.18 -7.56 11.64
CA ASP A 242 -4.41 -8.79 11.47
C ASP A 242 -4.75 -9.43 10.13
N PRO A 243 -3.83 -9.43 9.15
CA PRO A 243 -4.13 -10.14 7.89
C PRO A 243 -4.37 -11.63 8.10
N ASN A 244 -3.79 -12.22 9.14
CA ASN A 244 -3.99 -13.65 9.37
C ASN A 244 -5.45 -14.00 9.56
N LEU A 245 -6.25 -13.04 10.02
CA LEU A 245 -7.68 -13.25 10.17
C LEU A 245 -8.30 -13.75 8.87
N PHE A 246 -7.82 -13.28 7.75
CA PHE A 246 -8.47 -13.58 6.49
C PHE A 246 -8.04 -14.93 5.91
N VAL A 247 -6.84 -15.39 6.24
CA VAL A 247 -6.25 -16.52 5.53
C VAL A 247 -7.14 -17.75 5.61
N ASP A 248 -7.54 -18.14 6.82
CA ASP A 248 -8.39 -19.30 6.99
C ASP A 248 -9.87 -18.93 7.02
N GLY A 249 -10.27 -17.92 6.26
CA GLY A 249 -11.64 -17.45 6.26
C GLY A 249 -11.92 -16.62 7.50
N ILE A 250 -12.28 -15.36 7.31
CA ILE A 250 -12.52 -14.48 8.46
C ILE A 250 -13.94 -14.69 8.96
N SER A 251 -14.08 -14.73 10.29
CA SER A 251 -15.39 -14.77 10.94
C SER A 251 -16.27 -13.61 10.47
N SER A 252 -17.59 -13.85 10.45
CA SER A 252 -18.55 -12.76 10.23
C SER A 252 -18.48 -11.75 11.36
N LYS A 253 -18.44 -12.24 12.61
CA LYS A 253 -18.23 -11.37 13.76
C LYS A 253 -17.00 -10.50 13.58
N ASP A 254 -15.87 -11.10 13.16
CA ASP A 254 -14.64 -10.34 13.06
C ASP A 254 -14.66 -9.38 11.87
N TYR A 255 -15.25 -9.80 10.75
CA TYR A 255 -15.19 -8.98 9.55
C TYR A 255 -16.13 -7.78 9.66
N SER A 256 -17.35 -8.00 10.13
CA SER A 256 -18.24 -6.88 10.35
C SER A 256 -17.64 -5.90 11.35
N ALA A 257 -16.89 -6.41 12.34
CA ALA A 257 -16.20 -5.53 13.27
C ALA A 257 -15.25 -4.58 12.54
N LEU A 258 -14.56 -5.09 11.50
CA LEU A 258 -13.66 -4.25 10.73
C LEU A 258 -14.42 -3.25 9.88
N LEU A 259 -15.51 -3.70 9.24
CA LEU A 259 -16.27 -2.83 8.36
C LEU A 259 -16.93 -1.72 9.15
N ASN A 260 -17.41 -2.03 10.34
CA ASN A 260 -18.14 -1.07 11.17
C ASN A 260 -17.22 -0.17 12.00
N ASP A 261 -15.92 -0.39 11.97
CA ASP A 261 -15.02 0.52 12.67
C ASP A 261 -15.06 1.89 12.00
N PRO A 262 -15.47 2.95 12.71
CA PRO A 262 -15.52 4.27 12.07
C PRO A 262 -14.16 4.83 11.75
N ASN A 263 -13.10 4.30 12.37
CA ASN A 263 -11.72 4.61 12.02
C ASN A 263 -11.24 3.86 10.76
N THR A 264 -12.16 3.23 10.01
CA THR A 264 -11.97 2.57 8.72
C THR A 264 -10.59 1.92 8.53
N PRO A 265 -10.22 0.94 9.36
CA PRO A 265 -8.89 0.34 9.24
C PRO A 265 -8.66 -0.40 7.93
N LEU A 266 -9.72 -0.67 7.15
CA LEU A 266 -9.53 -1.34 5.87
C LEU A 266 -8.98 -0.43 4.79
N VAL A 267 -9.00 0.89 5.00
CA VAL A 267 -8.47 1.82 4.00
C VAL A 267 -6.95 1.84 4.09
N ASN A 268 -6.29 1.70 2.94
CA ASN A 268 -4.88 2.01 2.82
C ASN A 268 -4.76 3.53 2.68
N ARG A 269 -4.53 4.22 3.80
CA ARG A 269 -4.53 5.68 3.77
C ARG A 269 -3.36 6.26 3.00
N ALA A 270 -2.27 5.49 2.86
CA ALA A 270 -1.09 5.99 2.19
C ALA A 270 -1.28 6.09 0.69
N THR A 271 -2.13 5.23 0.10
CA THR A 271 -2.39 5.22 -1.33
C THR A 271 -3.83 5.53 -1.71
N GLN A 272 -4.75 5.42 -0.77
CA GLN A 272 -6.15 5.72 -1.03
C GLN A 272 -6.68 6.86 -0.18
N GLY A 273 -5.89 7.36 0.77
CA GLY A 273 -6.29 8.54 1.51
C GLY A 273 -6.17 9.77 0.62
N VAL A 274 -7.26 10.52 0.50
CA VAL A 274 -7.33 11.63 -0.45
C VAL A 274 -7.59 12.89 0.34
N TYR A 275 -6.58 13.77 0.41
CA TYR A 275 -6.61 14.95 1.27
C TYR A 275 -6.12 16.17 0.53
N PRO A 276 -6.57 17.37 0.93
CA PRO A 276 -5.95 18.58 0.42
C PRO A 276 -4.50 18.59 0.83
N PRO A 277 -3.57 18.71 -0.13
CA PRO A 277 -2.16 18.67 0.24
C PRO A 277 -1.70 19.93 0.94
N ALA A 278 -2.53 20.99 0.90
CA ALA A 278 -2.29 22.27 1.53
C ALA A 278 -0.87 22.76 1.29
N SER A 279 -0.27 23.35 2.32
CA SER A 279 1.03 24.08 2.14
C SER A 279 2.15 23.16 1.75
N THR A 280 2.01 21.84 1.86
CA THR A 280 3.10 20.97 1.45
C THR A 280 3.49 21.15 -0.02
N VAL A 281 2.55 21.65 -0.84
CA VAL A 281 2.80 21.86 -2.28
C VAL A 281 3.67 23.08 -2.58
N LYS A 282 3.78 24.05 -1.67
CA LYS A 282 4.40 25.33 -2.01
C LYS A 282 5.80 25.19 -2.59
N PRO A 283 6.65 24.25 -2.15
CA PRO A 283 7.93 24.08 -2.86
C PRO A 283 7.77 23.78 -4.35
N TYR A 284 6.77 22.98 -4.74
CA TYR A 284 6.64 22.59 -6.14
C TYR A 284 5.97 23.71 -6.95
N VAL A 285 4.99 24.38 -6.36
CA VAL A 285 4.43 25.58 -6.99
C VAL A 285 5.53 26.61 -7.22
N ALA A 286 6.43 26.75 -6.25
CA ALA A 286 7.51 27.72 -6.39
C ALA A 286 8.40 27.37 -7.57
N VAL A 287 8.89 26.14 -7.61
CA VAL A 287 9.72 25.70 -8.73
C VAL A 287 8.99 25.95 -10.05
N SER A 288 7.67 25.69 -10.07
CA SER A 288 6.88 25.91 -11.28
C SER A 288 6.87 27.38 -11.67
N ALA A 289 6.59 28.26 -10.71
CA ALA A 289 6.52 29.70 -11.00
C ALA A 289 7.87 30.22 -11.50
N LEU A 290 8.96 29.81 -10.85
CA LEU A 290 10.28 30.24 -11.30
C LEU A 290 10.55 29.75 -12.72
N SER A 291 10.32 28.46 -12.95
CA SER A 291 10.56 27.88 -14.27
C SER A 291 9.69 28.54 -15.33
N ALA A 292 8.48 28.94 -14.96
CA ALA A 292 7.58 29.58 -15.90
C ALA A 292 7.90 31.06 -16.07
N GLY A 293 8.90 31.57 -15.36
CA GLY A 293 9.22 32.99 -15.40
C GLY A 293 8.22 33.91 -14.75
N VAL A 294 7.19 33.37 -14.10
CA VAL A 294 6.22 34.21 -13.43
C VAL A 294 6.85 34.87 -12.21
N ILE A 295 7.90 34.28 -11.64
CA ILE A 295 8.64 34.90 -10.56
C ILE A 295 10.13 34.67 -10.76
N THR A 296 10.89 35.30 -9.87
CA THR A 296 12.34 35.34 -9.82
C THR A 296 12.70 35.17 -8.35
N ARG A 297 13.95 34.78 -8.06
CA ARG A 297 14.41 34.77 -6.68
C ARG A 297 14.28 36.14 -6.01
N ASN A 298 14.19 37.24 -6.77
CA ASN A 298 14.09 38.57 -6.17
C ASN A 298 12.68 39.16 -6.21
N THR A 299 11.71 38.47 -6.81
CA THR A 299 10.34 38.96 -6.81
C THR A 299 9.86 39.20 -5.39
N THR A 300 9.20 40.33 -5.17
CA THR A 300 8.80 40.73 -3.83
C THR A 300 7.46 41.43 -3.83
N LEU A 301 6.64 41.14 -2.83
CA LEU A 301 5.39 41.85 -2.60
C LEU A 301 5.26 42.12 -1.11
N PHE A 302 4.52 43.18 -0.78
CA PHE A 302 4.20 43.44 0.61
C PHE A 302 2.88 42.75 0.94
N ASP A 303 2.86 42.02 2.07
CA ASP A 303 1.69 41.25 2.45
C ASP A 303 1.04 41.87 3.68
N PRO A 304 -0.17 42.40 3.57
CA PRO A 304 -0.89 42.91 4.74
C PRO A 304 -1.63 41.84 5.54
N GLY A 305 -1.47 40.57 5.19
CA GLY A 305 -2.26 39.51 5.78
C GLY A 305 -3.32 38.96 4.87
N TRP A 306 -3.49 39.50 3.69
CA TRP A 306 -4.54 39.04 2.77
C TRP A 306 -4.11 39.39 1.37
N TRP A 307 -4.92 38.97 0.41
CA TRP A 307 -4.65 39.23 -1.01
C TRP A 307 -6.00 39.33 -1.71
N GLN A 308 -6.17 40.38 -2.51
CA GLN A 308 -7.45 40.65 -3.17
C GLN A 308 -7.38 40.30 -4.65
N LEU A 309 -8.40 39.61 -5.14
CA LEU A 309 -8.44 39.23 -6.55
C LEU A 309 -8.71 40.46 -7.40
N PRO A 310 -7.83 40.81 -8.35
CA PRO A 310 -8.08 41.99 -9.20
C PRO A 310 -9.46 41.96 -9.83
N GLY A 311 -10.08 43.13 -9.90
CA GLY A 311 -11.40 43.24 -10.47
C GLY A 311 -12.47 42.54 -9.67
N SER A 312 -12.24 42.36 -8.37
CA SER A 312 -13.22 41.75 -7.49
C SER A 312 -12.96 42.25 -6.07
N GLU A 313 -13.97 42.07 -5.21
CA GLU A 313 -13.84 42.45 -3.82
C GLU A 313 -13.46 41.27 -2.93
N LYS A 314 -13.33 40.07 -3.50
CA LYS A 314 -13.06 38.88 -2.71
C LYS A 314 -11.63 38.88 -2.20
N ARG A 315 -11.47 38.62 -0.90
CA ARG A 315 -10.16 38.59 -0.27
C ARG A 315 -9.81 37.18 0.18
N TYR A 316 -8.54 36.84 0.04
CA TYR A 316 -7.98 35.57 0.48
C TYR A 316 -6.98 35.85 1.59
N ARG A 317 -7.22 35.27 2.77
CA ARG A 317 -6.46 35.60 3.96
C ARG A 317 -5.18 34.77 4.07
N ASP A 318 -4.14 35.38 4.63
CA ASP A 318 -2.95 34.66 5.05
C ASP A 318 -3.21 34.03 6.41
N TRP A 319 -2.46 32.96 6.73
CA TRP A 319 -2.59 32.41 8.08
C TRP A 319 -2.14 33.42 9.13
N LYS A 320 -1.21 34.31 8.78
CA LYS A 320 -0.68 35.29 9.71
C LYS A 320 -1.51 36.56 9.62
N LYS A 321 -2.14 36.95 10.73
CA LYS A 321 -3.25 37.92 10.68
C LYS A 321 -2.87 39.23 10.00
N TRP A 322 -1.72 39.79 10.36
CA TRP A 322 -1.30 41.08 9.81
C TRP A 322 -0.22 40.94 8.76
N GLY A 323 0.01 39.73 8.26
CA GLY A 323 0.93 39.51 7.16
C GLY A 323 2.37 39.28 7.58
N HIS A 324 3.18 38.90 6.60
CA HIS A 324 4.59 38.64 6.79
C HIS A 324 5.44 39.83 6.38
N GLY A 325 4.83 40.98 6.11
CA GLY A 325 5.58 42.07 5.54
C GLY A 325 6.08 41.73 4.14
N ARG A 326 7.33 42.10 3.88
CA ARG A 326 7.94 41.96 2.56
C ARG A 326 8.35 40.50 2.31
N LEU A 327 7.85 39.90 1.23
CA LEU A 327 8.07 38.49 0.96
C LEU A 327 8.69 38.28 -0.41
N ASN A 328 9.77 37.51 -0.45
CA ASN A 328 10.23 36.83 -1.64
C ASN A 328 9.81 35.35 -1.54
N VAL A 329 10.29 34.52 -2.46
CA VAL A 329 9.84 33.13 -2.43
C VAL A 329 10.54 32.36 -1.30
N THR A 330 11.82 32.67 -1.06
CA THR A 330 12.55 32.03 0.04
C THR A 330 11.82 32.21 1.36
N ARG A 331 11.56 33.47 1.73
CA ARG A 331 10.92 33.74 3.02
C ARG A 331 9.49 33.23 3.05
N SER A 332 8.83 33.18 1.88
CA SER A 332 7.47 32.68 1.82
C SER A 332 7.42 31.19 2.10
N LEU A 333 8.41 30.43 1.63
CA LEU A 333 8.48 29.01 1.97
C LEU A 333 8.83 28.83 3.43
N GLU A 334 9.82 29.59 3.91
CA GLU A 334 10.26 29.48 5.30
C GLU A 334 9.11 29.63 6.27
N GLU A 335 8.21 30.58 5.99
CA GLU A 335 7.12 30.92 6.90
C GLU A 335 5.79 30.44 6.38
N SER A 336 5.81 29.66 5.30
CA SER A 336 4.60 29.14 4.67
C SER A 336 3.59 30.26 4.43
N ALA A 337 4.10 31.37 3.90
CA ALA A 337 3.21 32.46 3.54
C ALA A 337 2.20 31.98 2.50
N ASP A 338 0.94 32.37 2.71
CA ASP A 338 -0.09 32.11 1.71
C ASP A 338 -0.15 33.20 0.64
N THR A 339 -0.14 34.47 1.09
CA THR A 339 -0.37 35.61 0.21
C THR A 339 0.52 35.56 -1.02
N PHE A 340 1.81 35.29 -0.81
CA PHE A 340 2.73 35.19 -1.95
C PHE A 340 2.23 34.17 -2.97
N PHE A 341 1.75 33.02 -2.50
CA PHE A 341 1.35 31.98 -3.44
C PHE A 341 -0.03 32.22 -4.04
N TYR A 342 -0.89 32.99 -3.37
CA TYR A 342 -2.09 33.51 -4.04
C TYR A 342 -1.70 34.28 -5.31
N GLN A 343 -0.77 35.24 -5.15
CA GLN A 343 -0.30 36.01 -6.29
C GLN A 343 0.26 35.10 -7.37
N VAL A 344 1.15 34.19 -6.97
CA VAL A 344 1.75 33.25 -7.92
C VAL A 344 0.67 32.47 -8.68
N ALA A 345 -0.36 32.01 -7.97
CA ALA A 345 -1.44 31.31 -8.65
C ALA A 345 -2.14 32.21 -9.66
N TYR A 346 -2.49 33.44 -9.24
CA TYR A 346 -3.15 34.38 -10.13
C TYR A 346 -2.35 34.56 -11.42
N ASP A 347 -1.05 34.87 -11.27
CA ASP A 347 -0.22 35.15 -12.44
C ASP A 347 0.02 33.92 -13.29
N MET A 348 0.07 32.73 -12.66
CA MET A 348 0.27 31.49 -13.42
C MET A 348 -0.92 31.19 -14.29
N GLY A 349 -2.13 31.34 -13.76
CA GLY A 349 -3.33 30.81 -14.40
C GLY A 349 -3.49 29.32 -14.19
N ILE A 350 -4.72 28.83 -14.17
CA ILE A 350 -4.96 27.42 -13.87
C ILE A 350 -4.30 26.52 -14.91
N ASP A 351 -4.28 26.93 -16.18
CA ASP A 351 -3.75 26.06 -17.23
C ASP A 351 -2.29 25.72 -16.95
N ARG A 352 -1.45 26.73 -16.75
CA ARG A 352 -0.04 26.49 -16.48
C ARG A 352 0.16 25.81 -15.13
N LEU A 353 -0.59 26.23 -14.12
CA LEU A 353 -0.34 25.68 -12.78
C LEU A 353 -0.71 24.21 -12.74
N SER A 354 -1.85 23.85 -13.33
CA SER A 354 -2.25 22.44 -13.35
C SER A 354 -1.32 21.64 -14.24
N GLU A 355 -0.89 22.23 -15.34
CA GLU A 355 0.01 21.51 -16.22
C GLU A 355 1.30 21.19 -15.49
N TRP A 356 1.83 22.16 -14.75
CA TRP A 356 3.07 21.91 -14.03
C TRP A 356 2.88 20.88 -12.91
N MET A 357 1.80 21.00 -12.15
CA MET A 357 1.56 20.11 -11.02
C MET A 357 1.32 18.68 -11.48
N GLY A 358 0.74 18.53 -12.69
CA GLY A 358 0.64 17.22 -13.29
C GLY A 358 1.99 16.63 -13.61
N LYS A 359 2.97 17.46 -13.97
CA LYS A 359 4.33 16.95 -14.14
C LYS A 359 4.90 16.46 -12.82
N PHE A 360 4.45 17.02 -11.71
CA PHE A 360 4.91 16.54 -10.41
C PHE A 360 4.15 15.30 -9.94
N GLY A 361 3.22 14.82 -10.75
CA GLY A 361 2.46 13.62 -10.47
C GLY A 361 1.11 13.85 -9.86
N TYR A 362 0.78 15.07 -9.46
CA TYR A 362 -0.52 15.30 -8.85
C TYR A 362 -1.65 14.98 -9.81
N GLY A 363 -2.74 14.45 -9.28
CA GLY A 363 -3.86 14.06 -10.10
C GLY A 363 -3.71 12.74 -10.82
N HIS A 364 -2.49 12.18 -10.88
CA HIS A 364 -2.22 10.95 -11.61
C HIS A 364 -1.85 9.84 -10.65
N TYR A 365 -2.05 8.61 -11.12
CA TYR A 365 -1.52 7.47 -10.39
C TYR A 365 0.01 7.55 -10.35
N THR A 366 0.57 7.05 -9.24
CA THR A 366 2.00 7.21 -9.05
C THR A 366 2.81 6.17 -9.80
N GLY A 367 2.19 5.07 -10.18
CA GLY A 367 2.90 3.91 -10.72
C GLY A 367 3.39 2.93 -9.67
N ILE A 368 3.06 3.15 -8.40
CA ILE A 368 3.48 2.21 -7.36
C ILE A 368 2.89 0.84 -7.66
N ASP A 369 3.63 -0.21 -7.24
CA ASP A 369 3.21 -1.59 -7.47
C ASP A 369 2.28 -2.08 -6.34
N LEU A 370 1.16 -1.36 -6.22
CA LEU A 370 0.00 -1.80 -5.46
C LEU A 370 -1.22 -1.53 -6.32
N ALA A 371 -2.28 -2.29 -6.13
CA ALA A 371 -3.50 -2.11 -6.90
C ALA A 371 -4.54 -1.27 -6.16
N GLU A 372 -4.36 -1.03 -4.87
CA GLU A 372 -5.24 -0.13 -4.12
C GLU A 372 -4.67 1.28 -4.22
N GLU A 373 -5.33 2.16 -4.99
CA GLU A 373 -4.82 3.52 -5.16
C GLU A 373 -5.88 4.44 -5.75
N ARG A 374 -5.94 5.66 -5.22
CA ARG A 374 -6.73 6.72 -5.81
C ARG A 374 -5.82 7.78 -6.43
N SER A 375 -6.32 8.47 -7.46
CA SER A 375 -5.54 9.48 -8.17
C SER A 375 -5.73 10.88 -7.60
N GLY A 376 -6.72 11.09 -6.75
CA GLY A 376 -6.92 12.44 -6.26
C GLY A 376 -7.47 13.33 -7.35
N ASN A 377 -7.17 14.62 -7.25
CA ASN A 377 -7.62 15.55 -8.28
C ASN A 377 -6.73 16.77 -8.34
N MET A 378 -6.17 17.00 -9.53
CA MET A 378 -5.48 18.22 -9.92
C MET A 378 -6.41 18.97 -10.88
N PRO A 379 -7.13 19.99 -10.42
CA PRO A 379 -8.26 20.53 -11.20
C PRO A 379 -7.80 21.23 -12.46
N THR A 380 -8.65 21.20 -13.49
CA THR A 380 -8.40 21.87 -14.76
C THR A 380 -9.71 22.45 -15.30
N ARG A 381 -9.57 23.33 -16.30
CA ARG A 381 -10.75 23.89 -16.96
C ARG A 381 -11.70 22.80 -17.43
N GLU A 382 -11.18 21.85 -18.21
CA GLU A 382 -12.02 20.82 -18.79
C GLU A 382 -12.63 19.94 -17.70
N TRP A 383 -11.90 19.71 -16.62
CA TRP A 383 -12.43 18.86 -15.57
C TRP A 383 -13.61 19.53 -14.88
N LYS A 384 -13.46 20.80 -14.50
CA LYS A 384 -14.60 21.48 -13.88
C LYS A 384 -15.76 21.58 -14.85
N GLN A 385 -15.47 21.74 -16.14
CA GLN A 385 -16.50 21.74 -17.17
C GLN A 385 -17.25 20.41 -17.20
N LYS A 386 -16.51 19.30 -17.22
CA LYS A 386 -17.15 17.99 -17.20
C LYS A 386 -17.84 17.71 -15.87
N ARG A 387 -17.22 18.07 -14.74
CA ARG A 387 -17.72 17.57 -13.47
C ARG A 387 -18.93 18.36 -12.98
N PHE A 388 -19.02 19.65 -13.32
CA PHE A 388 -20.15 20.46 -12.90
C PHE A 388 -20.88 21.17 -14.02
N LYS A 389 -20.36 21.12 -15.26
CA LYS A 389 -20.87 21.90 -16.38
C LYS A 389 -21.05 23.36 -15.98
N LYS A 390 -19.99 23.91 -15.39
CA LYS A 390 -19.88 25.32 -15.14
C LYS A 390 -18.44 25.65 -15.47
N PRO A 391 -18.18 26.81 -16.09
CA PRO A 391 -16.82 27.12 -16.52
C PRO A 391 -15.94 27.53 -15.34
N TRP A 392 -14.67 27.71 -15.63
CA TRP A 392 -13.68 28.04 -14.60
C TRP A 392 -13.67 29.55 -14.40
N TYR A 393 -13.88 29.98 -13.15
CA TYR A 393 -13.76 31.39 -12.77
C TYR A 393 -12.38 31.62 -12.17
N GLN A 394 -11.86 32.83 -12.35
CA GLN A 394 -10.50 33.10 -11.89
C GLN A 394 -10.33 32.84 -10.40
N GLY A 395 -11.37 33.01 -9.65
CA GLY A 395 -11.29 32.79 -8.21
C GLY A 395 -11.08 31.33 -7.86
N ASP A 396 -11.26 30.44 -8.79
CA ASP A 396 -11.05 28.99 -8.54
C ASP A 396 -9.53 28.73 -8.56
N THR A 397 -8.78 29.53 -9.26
CA THR A 397 -7.33 29.34 -9.36
C THR A 397 -6.64 29.69 -8.04
N ILE A 398 -7.06 30.72 -7.36
CA ILE A 398 -6.36 31.24 -6.16
C ILE A 398 -6.07 30.15 -5.10
N PRO A 399 -7.05 29.49 -4.52
CA PRO A 399 -6.86 28.48 -3.48
C PRO A 399 -5.94 27.31 -3.86
N VAL A 400 -5.89 26.97 -5.13
CA VAL A 400 -5.00 25.94 -5.68
C VAL A 400 -3.54 26.33 -5.42
N GLY A 401 -3.18 27.59 -5.41
CA GLY A 401 -1.81 27.99 -5.11
C GLY A 401 -1.39 27.57 -3.73
N ILE A 402 -2.28 27.42 -2.77
CA ILE A 402 -1.87 26.99 -1.45
C ILE A 402 -2.35 25.56 -1.19
N GLY A 403 -2.50 24.78 -2.25
CA GLY A 403 -2.80 23.38 -2.06
C GLY A 403 -4.22 23.10 -1.64
N GLN A 404 -5.13 24.03 -1.87
CA GLN A 404 -6.50 23.75 -1.46
C GLN A 404 -7.43 23.92 -2.65
N GLY A 405 -8.64 24.41 -2.43
CA GLY A 405 -9.56 24.52 -3.55
C GLY A 405 -9.97 23.14 -4.00
N TYR A 406 -9.90 22.89 -5.30
CA TYR A 406 -10.29 21.58 -5.81
C TYR A 406 -9.17 20.57 -5.72
N TRP A 407 -8.01 20.96 -5.20
CA TRP A 407 -6.84 20.12 -5.20
C TRP A 407 -6.90 19.06 -4.08
N THR A 408 -6.75 17.80 -4.46
CA THR A 408 -6.62 16.72 -3.49
C THR A 408 -5.51 15.78 -3.94
N ALA A 409 -4.83 15.19 -2.95
CA ALA A 409 -3.71 14.29 -3.23
C ALA A 409 -3.67 13.16 -2.20
N THR A 410 -2.93 12.05 -2.57
CA THR A 410 -2.63 10.93 -1.69
C THR A 410 -1.22 11.08 -1.14
N PRO A 411 -0.96 10.52 0.05
CA PRO A 411 0.40 10.62 0.60
C PRO A 411 1.45 10.02 -0.31
N ILE A 412 1.09 9.02 -1.12
CA ILE A 412 2.08 8.45 -2.01
C ILE A 412 2.34 9.39 -3.19
N GLN A 413 1.34 10.18 -3.59
CA GLN A 413 1.58 11.24 -4.58
C GLN A 413 2.51 12.30 -4.02
N MET A 414 2.29 12.69 -2.75
CA MET A 414 3.18 13.63 -2.08
C MET A 414 4.61 13.13 -2.04
N SER A 415 4.78 11.83 -1.81
CA SER A 415 6.11 11.24 -1.78
C SER A 415 6.76 11.32 -3.15
N LYS A 416 5.99 11.02 -4.21
CA LYS A 416 6.57 11.08 -5.54
C LYS A 416 6.98 12.52 -5.91
N ALA A 417 6.17 13.52 -5.54
CA ALA A 417 6.53 14.91 -5.81
C ALA A 417 7.76 15.32 -5.03
N LEU A 418 7.76 15.04 -3.71
CA LEU A 418 8.92 15.32 -2.87
C LEU A 418 10.22 14.76 -3.46
N MET A 419 10.18 13.54 -4.01
CA MET A 419 11.41 12.98 -4.56
C MET A 419 11.85 13.71 -5.83
N ILE A 420 10.88 14.10 -6.63
CA ILE A 420 11.19 14.87 -7.86
C ILE A 420 11.95 16.14 -7.47
N LEU A 421 11.51 16.87 -6.48
CA LEU A 421 12.21 18.08 -6.00
C LEU A 421 13.62 17.69 -5.54
N ILE A 422 13.75 16.61 -4.82
CA ILE A 422 15.08 16.16 -4.31
C ILE A 422 15.98 15.81 -5.51
N ASN A 423 15.45 15.23 -6.56
CA ASN A 423 16.25 14.80 -7.71
C ASN A 423 16.34 15.87 -8.81
N ASP A 424 15.99 17.12 -8.54
CA ASP A 424 16.14 18.19 -9.50
C ASP A 424 15.37 17.91 -10.80
N GLY A 425 14.12 17.46 -10.64
CA GLY A 425 13.30 17.14 -11.77
C GLY A 425 13.35 15.70 -12.24
N ILE A 426 14.35 14.92 -11.83
CA ILE A 426 14.36 13.48 -12.15
C ILE A 426 13.14 12.82 -11.51
N VAL A 427 12.42 12.03 -12.29
CA VAL A 427 11.19 11.40 -11.82
C VAL A 427 11.45 9.93 -11.51
N LYS A 428 11.27 9.53 -10.26
CA LYS A 428 11.39 8.14 -9.85
C LYS A 428 10.03 7.65 -9.37
N VAL A 429 9.54 6.58 -9.96
CA VAL A 429 8.31 5.93 -9.49
C VAL A 429 8.55 5.36 -8.10
N PRO A 430 7.68 5.60 -7.13
CA PRO A 430 7.82 4.92 -5.84
C PRO A 430 7.40 3.46 -5.99
N HIS A 431 8.27 2.55 -5.57
CA HIS A 431 8.04 1.13 -5.78
C HIS A 431 8.53 0.32 -4.59
N LEU A 432 7.94 -0.86 -4.43
CA LEU A 432 8.32 -1.77 -3.37
C LEU A 432 9.18 -2.93 -3.86
N LEU A 433 9.10 -3.28 -5.13
CA LEU A 433 9.81 -4.46 -5.61
C LEU A 433 11.27 -4.12 -5.81
N MET A 434 12.15 -4.87 -5.15
CA MET A 434 13.57 -4.78 -5.46
C MET A 434 13.95 -5.75 -6.57
N SER A 435 13.58 -7.02 -6.41
CA SER A 435 13.89 -8.03 -7.42
C SER A 435 13.00 -9.23 -7.23
N THR A 436 12.92 -10.03 -8.29
CA THR A 436 12.20 -11.30 -8.32
C THR A 436 13.21 -12.44 -8.50
N ALA A 437 13.02 -13.53 -7.77
CA ALA A 437 13.95 -14.65 -7.78
C ALA A 437 13.26 -15.93 -8.30
N GLU A 438 13.97 -17.05 -8.15
CA GLU A 438 13.71 -18.32 -8.81
C GLU A 438 13.65 -18.16 -10.33
N ASP A 439 14.49 -18.90 -11.07
CA ASP A 439 15.27 -20.06 -10.58
C ASP A 439 16.27 -19.96 -9.38
N GLY A 440 16.98 -18.84 -9.16
CA GLY A 440 16.92 -17.60 -9.92
C GLY A 440 18.29 -17.11 -10.36
N LYS A 441 18.43 -16.51 -11.55
CA LYS A 441 17.39 -15.85 -12.39
C LYS A 441 16.72 -14.78 -11.55
N GLN A 442 17.50 -13.74 -11.28
CA GLN A 442 17.08 -12.59 -10.50
C GLN A 442 16.78 -11.44 -11.45
N VAL A 443 15.54 -10.98 -11.46
CA VAL A 443 15.09 -9.89 -12.32
C VAL A 443 14.94 -8.65 -11.46
N PRO A 444 15.69 -7.58 -11.73
CA PRO A 444 15.51 -6.34 -10.95
C PRO A 444 14.35 -5.51 -11.48
N TRP A 445 13.66 -4.84 -10.56
CA TRP A 445 12.68 -3.86 -10.96
C TRP A 445 13.34 -2.77 -11.79
N VAL A 446 12.72 -2.42 -12.91
CA VAL A 446 13.29 -1.47 -13.86
C VAL A 446 12.37 -0.27 -13.96
N GLN A 447 12.93 0.91 -13.70
CA GLN A 447 12.17 2.14 -13.78
C GLN A 447 11.61 2.35 -15.18
N PRO A 448 10.29 2.52 -15.33
CA PRO A 448 9.77 2.87 -16.66
C PRO A 448 10.24 4.26 -17.07
N HIS A 449 10.43 4.42 -18.37
CA HIS A 449 10.88 5.71 -18.89
C HIS A 449 9.89 6.79 -18.48
N GLU A 450 10.36 7.77 -17.71
CA GLU A 450 9.55 8.93 -17.35
C GLU A 450 10.38 10.19 -17.54
N PRO A 451 10.04 11.02 -18.52
CA PRO A 451 10.83 12.22 -18.78
C PRO A 451 10.95 13.07 -17.54
N PRO A 452 12.02 13.85 -17.41
CA PRO A 452 12.20 14.67 -16.22
C PRO A 452 11.27 15.87 -16.23
N VAL A 453 11.26 16.58 -15.12
CA VAL A 453 10.43 17.76 -14.96
C VAL A 453 11.31 18.99 -15.09
N GLY A 454 10.96 19.86 -16.05
CA GLY A 454 11.67 21.12 -16.16
C GLY A 454 13.12 20.92 -16.55
N ASP A 455 14.00 21.68 -15.89
CA ASP A 455 15.40 21.77 -16.28
C ASP A 455 16.27 21.36 -15.10
N ILE A 456 17.04 20.29 -15.29
CA ILE A 456 18.03 19.85 -14.30
C ILE A 456 18.95 20.98 -13.88
N HIS A 457 19.28 21.89 -14.80
CA HIS A 457 20.39 22.79 -14.62
C HIS A 457 20.00 24.13 -14.00
N SER A 458 18.73 24.51 -14.04
CA SER A 458 18.32 25.72 -13.33
C SER A 458 18.55 25.55 -11.84
N GLY A 459 18.75 26.67 -11.15
CA GLY A 459 18.97 26.65 -9.72
C GLY A 459 17.67 26.83 -8.96
N TYR A 460 16.55 26.57 -9.64
CA TYR A 460 15.26 26.71 -8.97
C TYR A 460 15.07 25.62 -7.91
N TRP A 461 15.54 24.40 -8.21
CA TRP A 461 15.43 23.31 -7.25
C TRP A 461 16.13 23.65 -5.94
N GLU A 462 17.38 24.11 -6.01
CA GLU A 462 18.09 24.50 -4.81
C GLU A 462 17.34 25.61 -4.07
N LEU A 463 16.72 26.53 -4.81
CA LEU A 463 16.05 27.65 -4.16
C LEU A 463 14.89 27.14 -3.32
N ALA A 464 14.04 26.31 -3.91
CA ALA A 464 12.94 25.72 -3.13
C ALA A 464 13.47 24.86 -2.00
N LYS A 465 14.50 24.06 -2.25
CA LYS A 465 15.02 23.22 -1.17
C LYS A 465 15.66 24.06 -0.07
N ASP A 466 16.36 25.14 -0.42
CA ASP A 466 16.91 26.00 0.61
C ASP A 466 15.81 26.56 1.48
N GLY A 467 14.67 26.88 0.88
CA GLY A 467 13.55 27.33 1.68
C GLY A 467 13.09 26.27 2.65
N MET A 468 13.15 25.00 2.22
CA MET A 468 12.71 23.92 3.09
C MET A 468 13.71 23.69 4.20
N TYR A 469 14.99 23.85 3.88
CA TYR A 469 16.01 23.89 4.91
C TYR A 469 15.68 24.99 5.92
N GLY A 470 15.26 26.16 5.44
CA GLY A 470 14.93 27.25 6.34
C GLY A 470 13.71 26.94 7.19
N VAL A 471 12.71 26.29 6.61
CA VAL A 471 11.55 25.83 7.39
C VAL A 471 11.99 25.05 8.64
N ALA A 472 13.05 24.27 8.50
CA ALA A 472 13.45 23.35 9.55
C ALA A 472 14.53 23.91 10.46
N ASN A 473 15.31 24.85 9.97
CA ASN A 473 16.51 25.29 10.66
C ASN A 473 16.53 26.76 10.99
N ARG A 474 15.95 27.62 10.15
CA ARG A 474 16.08 29.03 10.49
C ARG A 474 15.04 29.44 11.54
N PRO A 475 15.32 30.48 12.32
CA PRO A 475 14.46 30.77 13.48
C PRO A 475 13.05 31.15 13.11
N ASN A 476 12.83 31.78 11.95
CA ASN A 476 11.47 32.09 11.46
C ASN A 476 10.80 30.92 10.77
N GLY A 477 11.46 29.76 10.67
CA GLY A 477 10.87 28.63 9.99
C GLY A 477 9.73 28.00 10.80
N THR A 478 8.66 27.63 10.10
CA THR A 478 7.50 27.08 10.80
C THR A 478 7.83 25.81 11.58
N ALA A 479 8.85 25.05 11.16
CA ALA A 479 9.15 23.75 11.76
C ALA A 479 10.43 23.77 12.58
N HIS A 480 10.92 24.98 12.89
CA HIS A 480 12.16 25.13 13.63
C HIS A 480 12.15 24.34 14.95
N LYS A 481 11.05 24.42 15.69
CA LYS A 481 10.99 23.75 17.00
C LYS A 481 11.18 22.24 16.88
N TYR A 482 10.88 21.66 15.74
CA TYR A 482 10.93 20.21 15.61
C TYR A 482 12.26 19.70 15.11
N PHE A 483 12.98 20.49 14.33
CA PHE A 483 14.06 19.95 13.50
C PHE A 483 15.39 20.64 13.65
N ALA A 484 15.42 21.86 14.18
CA ALA A 484 16.66 22.63 14.14
C ALA A 484 17.78 21.94 14.92
N SER A 485 17.42 21.26 16.02
CA SER A 485 18.42 20.67 16.90
C SER A 485 19.05 19.40 16.34
N ALA A 486 18.57 18.90 15.22
CA ALA A 486 19.12 17.65 14.68
C ALA A 486 20.57 17.84 14.25
N PRO A 487 21.47 16.91 14.61
CA PRO A 487 22.85 16.97 14.12
C PRO A 487 22.93 16.99 12.59
N TYR A 488 22.46 15.92 11.97
CA TYR A 488 22.24 15.92 10.53
C TYR A 488 21.23 17.03 10.17
N LYS A 489 21.31 17.52 8.95
CA LYS A 489 20.46 18.64 8.56
C LYS A 489 19.16 18.10 7.97
N ILE A 490 18.02 18.62 8.49
CA ILE A 490 16.68 18.30 7.99
C ILE A 490 16.16 19.47 7.17
N ALA A 491 15.48 19.17 6.07
CA ALA A 491 14.66 20.13 5.33
C ALA A 491 13.24 19.61 5.32
N ALA A 492 12.27 20.49 5.52
CA ALA A 492 10.90 20.01 5.64
C ALA A 492 9.93 21.04 5.05
N LYS A 493 8.67 20.62 4.94
CA LYS A 493 7.57 21.53 4.64
C LYS A 493 6.29 20.92 5.20
N SER A 494 5.60 21.68 6.06
CA SER A 494 4.37 21.22 6.67
C SER A 494 3.13 21.73 5.93
N GLY A 495 1.98 21.26 6.38
CA GLY A 495 0.72 21.82 5.91
C GLY A 495 -0.38 21.46 6.88
N THR A 496 -1.49 22.22 6.77
CA THR A 496 -2.69 21.98 7.55
C THR A 496 -3.89 22.11 6.61
N ALA A 497 -4.74 21.10 6.61
CA ALA A 497 -5.83 20.99 5.64
C ALA A 497 -7.17 21.14 6.35
N GLN A 498 -8.07 21.91 5.71
CA GLN A 498 -9.41 22.15 6.22
C GLN A 498 -9.39 22.87 7.55
N ARG A 518 -11.12 18.71 14.07
CA ARG A 518 -9.82 19.35 13.89
C ARG A 518 -9.23 19.07 12.51
N ASP A 519 -8.27 19.90 12.10
CA ASP A 519 -7.73 19.86 10.74
C ASP A 519 -6.70 18.75 10.60
N HIS A 520 -6.54 18.28 9.37
CA HIS A 520 -5.47 17.33 9.08
C HIS A 520 -4.12 18.02 9.23
N LYS A 521 -3.14 17.28 9.72
CA LYS A 521 -1.80 17.82 9.89
C LYS A 521 -0.85 17.01 9.03
N LEU A 522 -0.23 17.66 8.05
CA LEU A 522 0.67 17.05 7.08
C LEU A 522 2.10 17.50 7.34
N MET A 523 3.04 16.62 7.03
CA MET A 523 4.45 16.98 7.12
C MET A 523 5.21 16.22 6.05
N THR A 524 6.14 16.92 5.39
CA THR A 524 7.06 16.33 4.44
C THR A 524 8.47 16.75 4.83
N ALA A 525 9.44 15.85 4.62
CA ALA A 525 10.79 16.12 5.07
C ALA A 525 11.77 15.19 4.34
N PHE A 526 13.04 15.58 4.33
CA PHE A 526 14.09 14.71 3.82
C PHE A 526 15.39 15.05 4.55
N ALA A 527 16.33 14.09 4.51
CA ALA A 527 17.52 14.17 5.34
C ALA A 527 18.56 13.18 4.82
N PRO A 528 19.87 13.48 4.97
CA PRO A 528 20.36 14.78 5.43
C PRO A 528 20.27 15.82 4.31
N TYR A 529 20.34 17.13 4.61
CA TYR A 529 20.06 18.11 3.57
C TYR A 529 21.03 17.98 2.41
N ASN A 530 22.31 17.75 2.72
CA ASN A 530 23.36 17.80 1.71
C ASN A 530 23.17 16.74 0.65
N ASN A 531 23.08 15.47 1.07
CA ASN A 531 22.95 14.35 0.15
C ASN A 531 21.84 13.45 0.68
N PRO A 532 20.59 13.76 0.36
CA PRO A 532 19.45 13.11 1.00
C PRO A 532 19.47 11.59 0.79
N GLN A 533 19.24 10.86 1.88
CA GLN A 533 19.13 9.40 1.87
C GLN A 533 17.72 8.88 2.15
N VAL A 534 16.83 9.73 2.66
CA VAL A 534 15.49 9.32 3.06
C VAL A 534 14.54 10.49 2.78
N ALA A 535 13.34 10.18 2.29
CA ALA A 535 12.28 11.16 2.12
C ALA A 535 11.02 10.63 2.79
N VAL A 536 10.26 11.51 3.43
CA VAL A 536 9.07 11.11 4.19
C VAL A 536 7.92 12.05 3.85
N ALA A 537 6.77 11.47 3.54
CA ALA A 537 5.50 12.18 3.51
C ALA A 537 4.57 11.53 4.53
N MET A 538 3.91 12.33 5.37
CA MET A 538 2.99 11.74 6.35
C MET A 538 1.86 12.71 6.66
N ILE A 539 0.78 12.15 7.21
CA ILE A 539 -0.37 12.95 7.64
C ILE A 539 -1.02 12.27 8.83
N LEU A 540 -1.38 13.05 9.85
CA LEU A 540 -2.23 12.60 10.94
C LEU A 540 -3.61 13.20 10.73
N GLU A 541 -4.59 12.36 10.40
CA GLU A 541 -5.96 12.85 10.26
C GLU A 541 -6.38 13.56 11.54
N ASN A 542 -6.75 14.83 11.41
CA ASN A 542 -7.25 15.63 12.54
C ASN A 542 -6.20 15.78 13.63
N GLY A 543 -4.93 15.82 13.23
CA GLY A 543 -3.87 16.05 14.17
C GLY A 543 -3.42 14.85 14.95
N GLY A 544 -3.98 13.67 14.68
CA GLY A 544 -3.54 12.47 15.37
C GLY A 544 -4.08 12.35 16.78
N ALA A 545 -3.78 11.21 17.39
CA ALA A 545 -4.25 10.90 18.73
C ALA A 545 -3.24 11.26 19.81
N GLY A 546 -1.99 11.56 19.45
CA GLY A 546 -0.96 11.81 20.43
C GLY A 546 -0.07 13.00 20.12
N PRO A 547 1.21 12.73 19.83
CA PRO A 547 2.15 13.80 19.54
C PRO A 547 1.83 14.47 18.21
N ALA A 548 2.36 15.70 18.07
CA ALA A 548 2.20 16.46 16.83
C ALA A 548 2.99 15.82 15.70
N VAL A 549 2.52 16.06 14.46
CA VAL A 549 3.15 15.44 13.29
C VAL A 549 4.62 15.80 13.21
N GLY A 550 4.98 17.04 13.57
CA GLY A 550 6.38 17.45 13.54
C GLY A 550 7.24 16.66 14.50
N THR A 551 6.73 16.38 15.70
CA THR A 551 7.51 15.55 16.62
C THR A 551 7.66 14.15 16.07
N LEU A 552 6.58 13.57 15.52
CA LEU A 552 6.65 12.23 14.95
C LEU A 552 7.64 12.20 13.80
N MET A 553 7.67 13.26 12.98
CA MET A 553 8.59 13.24 11.84
C MET A 553 10.04 13.23 12.32
N ARG A 554 10.33 14.04 13.33
CA ARG A 554 11.69 14.10 13.87
C ARG A 554 12.08 12.75 14.45
N GLN A 555 11.15 12.08 15.11
CA GLN A 555 11.43 10.75 15.66
C GLN A 555 11.75 9.76 14.55
N ILE A 556 10.99 9.80 13.45
CA ILE A 556 11.26 8.88 12.35
C ILE A 556 12.63 9.17 11.74
N LEU A 557 12.95 10.45 11.56
CA LEU A 557 14.23 10.79 10.96
C LEU A 557 15.38 10.50 11.92
N ASP A 558 15.14 10.66 13.24
CA ASP A 558 16.14 10.26 14.24
C ASP A 558 16.36 8.74 14.22
N HIS A 559 15.27 7.97 14.24
CA HIS A 559 15.42 6.51 14.21
C HIS A 559 16.21 6.06 12.99
N ILE A 560 16.00 6.71 11.85
CA ILE A 560 16.66 6.30 10.61
C ILE A 560 18.12 6.72 10.62
N MET A 561 18.39 7.98 10.97
CA MET A 561 19.74 8.53 10.90
C MET A 561 20.57 8.28 12.16
N LEU A 562 19.92 8.03 13.29
CA LEU A 562 20.58 7.89 14.59
C LEU A 562 21.45 9.12 14.87
#